data_6TPG
#
_entry.id   6TPG
#
_cell.length_a   91.097
_cell.length_b   172.914
_cell.length_c   77.810
_cell.angle_alpha   90.000
_cell.angle_beta   90.000
_cell.angle_gamma   90.000
#
_symmetry.space_group_name_H-M   'C 2 2 21'
#
loop_
_entity.id
_entity.type
_entity.pdbx_description
1 polymer 'Orexin receptor type 2,GlgA glycogen synthase,Hypocretin receptor-2'
2 non-polymer N-ethyl-2-[(6-methoxypyridin-3-yl)-(2-methylphenyl)sulfonyl-amino]-N-(pyridin-3-ylmethyl)ethanamide
3 non-polymer 'TETRAETHYLENE GLYCOL'
4 non-polymer 'OLEIC ACID'
5 water water
#
_entity_poly.entity_id   1
_entity_poly.type   'polypeptide(L)'
_entity_poly.pdbx_seq_one_letter_code
;QDLDYKDDDDKMSGTKLEDSPPCRDWSSASELDETQEPLLDPTDYDDEEFLRYLWREYLHPKEYAWVLIAGYIIVFVVAL
IGNVLVCVAVWKNHHMRTVTNLFIVNLSLAAVLVTITCLPATLVVDITETWFFGQSLCKVIPYLQTVSVSVSALTLSCIA
LDRWYAICHPLMFKSTAKRALNSIVIIWIVSCIIMIPQAIVMECSTVFPGLADKTTAFTVCDERWGGEIAPKMYHICFFL
VTYAAPLCLMVLLYLQIFRKLWCRQGID(YCM)SFWNESYLTGSRDERKKSLLSKFGMDEGVTFMFIGRFDRGQKGVDVL
LKAIEILSSKKEFQEMRFIIIGKGDPELEGWARSLEEKHGNVKVITEMLSREFVRELYGSVDFVIIPSYFEPFGLVALEA
MCLGAIPIASAVGGLRDIITNETGILVKAGDPGELANAILKALELSRSDLSKFRENCKKRAMSFSKQIRARRKTARMLMV
VVLVFAICYAPISILNVLKRVFGMFAHTEDRETVYAWFAFSHWLVYANSAANPIIYNFLSGKFREEFKAAFSWWWLGVHH
HHHHHHHH
;
_entity_poly.pdbx_strand_id   A
#
# COMPACT_ATOMS: atom_id res chain seq x y z
N GLU A 48 -26.98 12.21 -45.68
CA GLU A 48 -26.03 11.33 -45.00
C GLU A 48 -24.79 12.09 -44.53
N GLU A 49 -24.46 11.94 -43.24
CA GLU A 49 -23.30 12.62 -42.69
C GLU A 49 -22.00 12.09 -43.29
N PHE A 50 -21.93 10.77 -43.52
CA PHE A 50 -20.68 10.16 -43.98
C PHE A 50 -20.30 10.61 -45.39
N LEU A 51 -21.28 10.88 -46.24
CA LEU A 51 -20.96 11.40 -47.57
C LEU A 51 -20.31 12.77 -47.47
N ARG A 52 -20.78 13.60 -46.55
CA ARG A 52 -20.16 14.91 -46.36
C ARG A 52 -18.72 14.75 -45.92
N TYR A 53 -18.41 13.69 -45.17
CA TYR A 53 -17.04 13.43 -44.75
C TYR A 53 -16.17 12.97 -45.91
N LEU A 54 -16.71 12.16 -46.82
CA LEU A 54 -15.96 11.78 -48.01
C LEU A 54 -15.67 13.00 -48.86
N TRP A 55 -16.63 13.92 -48.95
CA TRP A 55 -16.43 15.15 -49.69
C TRP A 55 -15.40 16.05 -49.05
N ARG A 56 -15.20 15.94 -47.73
CA ARG A 56 -14.19 16.72 -47.04
C ARG A 56 -12.88 15.98 -46.84
N GLU A 57 -12.83 14.68 -47.11
CA GLU A 57 -11.73 13.85 -46.64
C GLU A 57 -10.40 14.31 -47.23
N TYR A 58 -10.42 14.98 -48.39
CA TYR A 58 -9.18 15.44 -49.00
C TYR A 58 -8.47 16.51 -48.18
N LEU A 59 -9.22 17.32 -47.40
CA LEU A 59 -8.64 18.45 -46.68
C LEU A 59 -7.76 18.04 -45.50
N HIS A 60 -8.07 16.96 -44.79
CA HIS A 60 -7.26 16.51 -43.67
C HIS A 60 -7.03 15.01 -43.77
N PRO A 61 -6.19 14.57 -44.71
CA PRO A 61 -5.90 13.15 -44.84
C PRO A 61 -4.84 12.71 -43.83
N LYS A 62 -5.13 11.64 -43.09
CA LYS A 62 -4.24 11.15 -42.06
C LYS A 62 -3.69 9.80 -42.51
N GLU A 63 -2.40 9.74 -42.82
CA GLU A 63 -1.76 8.49 -43.24
C GLU A 63 -1.37 7.62 -42.06
N TYR A 64 -1.50 8.13 -40.84
CA TYR A 64 -1.26 7.34 -39.64
C TYR A 64 -2.53 6.68 -39.11
N ALA A 65 -3.61 6.70 -39.90
CA ALA A 65 -4.89 6.18 -39.40
C ALA A 65 -4.79 4.69 -39.08
N TRP A 66 -4.00 3.94 -39.83
CA TRP A 66 -3.91 2.52 -39.55
C TRP A 66 -3.29 2.26 -38.19
N VAL A 67 -2.34 3.10 -37.77
CA VAL A 67 -1.64 2.88 -36.50
C VAL A 67 -2.57 3.11 -35.33
N LEU A 68 -3.30 4.24 -35.35
CA LEU A 68 -4.28 4.51 -34.31
C LEU A 68 -5.37 3.46 -34.29
N ILE A 69 -5.74 2.96 -35.47
CA ILE A 69 -6.76 1.92 -35.54
C ILE A 69 -6.24 0.61 -34.94
N ALA A 70 -5.04 0.19 -35.36
CA ALA A 70 -4.52 -1.05 -34.79
C ALA A 70 -4.29 -0.91 -33.30
N GLY A 71 -3.89 0.27 -32.86
CA GLY A 71 -3.68 0.49 -31.44
C GLY A 71 -4.97 0.44 -30.67
N TYR A 72 -6.06 0.95 -31.26
CA TYR A 72 -7.37 0.85 -30.62
C TYR A 72 -7.92 -0.57 -30.69
N ILE A 73 -7.69 -1.28 -31.78
CA ILE A 73 -8.18 -2.66 -31.81
C ILE A 73 -7.48 -3.50 -30.76
N ILE A 74 -6.18 -3.28 -30.60
CA ILE A 74 -5.41 -4.04 -29.62
C ILE A 74 -5.88 -3.71 -28.21
N VAL A 75 -5.99 -2.41 -27.89
CA VAL A 75 -6.44 -2.02 -26.56
C VAL A 75 -7.87 -2.47 -26.30
N PHE A 76 -8.72 -2.47 -27.33
CA PHE A 76 -10.11 -2.87 -27.12
C PHE A 76 -10.21 -4.33 -26.73
N VAL A 77 -9.45 -5.20 -27.40
CA VAL A 77 -9.53 -6.62 -27.10
C VAL A 77 -8.92 -6.90 -25.73
N VAL A 78 -7.75 -6.33 -25.47
CA VAL A 78 -7.06 -6.59 -24.20
C VAL A 78 -7.80 -5.97 -23.02
N ALA A 79 -8.33 -4.75 -23.19
CA ALA A 79 -9.07 -4.13 -22.11
C ALA A 79 -10.35 -4.92 -21.81
N LEU A 80 -11.10 -5.28 -22.85
CA LEU A 80 -12.35 -6.01 -22.64
C LEU A 80 -12.09 -7.40 -22.09
N ILE A 81 -11.05 -8.07 -22.59
CA ILE A 81 -10.79 -9.45 -22.15
C ILE A 81 -10.23 -9.47 -20.74
N GLY A 82 -9.24 -8.62 -20.47
CA GLY A 82 -8.60 -8.65 -19.17
C GLY A 82 -9.53 -8.24 -18.04
N ASN A 83 -10.41 -7.27 -18.31
CA ASN A 83 -11.29 -6.77 -17.25
C ASN A 83 -12.47 -7.70 -17.01
N VAL A 84 -12.89 -8.46 -18.02
CA VAL A 84 -13.92 -9.46 -17.78
C VAL A 84 -13.38 -10.55 -16.86
N LEU A 85 -12.13 -10.96 -17.06
CA LEU A 85 -11.55 -11.97 -16.18
C LEU A 85 -11.39 -11.47 -14.76
N VAL A 86 -11.09 -10.17 -14.58
CA VAL A 86 -10.94 -9.65 -13.22
C VAL A 86 -12.26 -9.77 -12.47
N CYS A 87 -13.37 -9.45 -13.14
CA CYS A 87 -14.66 -9.67 -12.52
C CYS A 87 -14.90 -11.14 -12.26
N VAL A 88 -14.62 -11.98 -13.26
CA VAL A 88 -14.91 -13.40 -13.11
C VAL A 88 -14.05 -13.99 -12.01
N ALA A 89 -12.82 -13.50 -11.85
CA ALA A 89 -11.94 -14.09 -10.85
C ALA A 89 -12.40 -13.77 -9.44
N VAL A 90 -12.86 -12.54 -9.20
CA VAL A 90 -13.31 -12.19 -7.86
C VAL A 90 -14.67 -12.78 -7.57
N TRP A 91 -15.53 -12.88 -8.58
CA TRP A 91 -16.86 -13.46 -8.40
C TRP A 91 -16.86 -14.97 -8.31
N LYS A 92 -15.82 -15.63 -8.82
CA LYS A 92 -15.77 -17.08 -8.71
C LYS A 92 -15.17 -17.54 -7.39
N ASN A 93 -14.06 -16.94 -6.98
CA ASN A 93 -13.31 -17.36 -5.80
C ASN A 93 -13.69 -16.49 -4.60
N HIS A 94 -14.12 -17.13 -3.51
CA HIS A 94 -14.55 -16.39 -2.33
C HIS A 94 -13.39 -15.89 -1.48
N HIS A 95 -12.21 -16.53 -1.58
CA HIS A 95 -11.02 -16.03 -0.90
C HIS A 95 -10.43 -14.82 -1.61
N MET A 96 -10.85 -14.57 -2.85
CA MET A 96 -10.56 -13.37 -3.61
C MET A 96 -11.38 -12.16 -3.18
N ARG A 97 -12.49 -12.35 -2.48
CA ARG A 97 -13.40 -11.26 -2.18
C ARG A 97 -12.90 -10.42 -1.00
N THR A 98 -11.74 -9.82 -1.17
CA THR A 98 -11.22 -8.87 -0.20
C THR A 98 -11.72 -7.46 -0.52
N VAL A 99 -11.55 -6.55 0.44
CA VAL A 99 -11.93 -5.15 0.23
C VAL A 99 -11.20 -4.60 -0.99
N THR A 100 -9.90 -4.86 -1.07
CA THR A 100 -9.09 -4.33 -2.16
C THR A 100 -9.56 -4.86 -3.50
N ASN A 101 -9.91 -6.15 -3.57
CA ASN A 101 -10.33 -6.73 -4.83
C ASN A 101 -11.73 -6.29 -5.23
N LEU A 102 -12.60 -6.03 -4.25
CA LEU A 102 -13.94 -5.55 -4.60
C LEU A 102 -13.87 -4.16 -5.20
N PHE A 103 -12.98 -3.30 -4.69
CA PHE A 103 -12.74 -2.04 -5.38
C PHE A 103 -12.14 -2.26 -6.75
N ILE A 104 -11.24 -3.25 -6.88
CA ILE A 104 -10.63 -3.50 -8.18
C ILE A 104 -11.67 -3.97 -9.18
N VAL A 105 -12.62 -4.79 -8.74
CA VAL A 105 -13.69 -5.18 -9.65
C VAL A 105 -14.43 -3.94 -10.13
N ASN A 106 -14.63 -2.96 -9.24
CA ASN A 106 -15.31 -1.74 -9.63
C ASN A 106 -14.51 -0.98 -10.69
N LEU A 107 -13.18 -1.07 -10.64
CA LEU A 107 -12.37 -0.45 -11.67
C LEU A 107 -12.56 -1.15 -13.02
N SER A 108 -12.56 -2.48 -13.02
CA SER A 108 -12.78 -3.19 -14.27
C SER A 108 -14.19 -2.98 -14.80
N LEU A 109 -15.15 -2.67 -13.92
CA LEU A 109 -16.51 -2.39 -14.38
C LEU A 109 -16.59 -1.06 -15.13
N ALA A 110 -16.02 -0.01 -14.56
CA ALA A 110 -15.92 1.24 -15.29
C ALA A 110 -15.01 1.08 -16.51
N ALA A 111 -13.99 0.23 -16.41
CA ALA A 111 -13.11 0.02 -17.56
C ALA A 111 -13.87 -0.63 -18.71
N VAL A 112 -14.64 -1.68 -18.43
CA VAL A 112 -15.42 -2.32 -19.48
C VAL A 112 -16.48 -1.37 -20.03
N LEU A 113 -17.08 -0.56 -19.15
CA LEU A 113 -18.24 0.24 -19.56
C LEU A 113 -17.87 1.27 -20.61
N VAL A 114 -16.66 1.84 -20.54
CA VAL A 114 -16.21 2.79 -21.55
C VAL A 114 -15.56 2.09 -22.73
N THR A 115 -14.94 0.93 -22.50
CA THR A 115 -14.35 0.20 -23.62
C THR A 115 -15.42 -0.15 -24.64
N ILE A 116 -16.64 -0.41 -24.18
CA ILE A 116 -17.73 -0.79 -25.07
C ILE A 116 -18.48 0.42 -25.61
N THR A 117 -18.74 1.42 -24.77
CA THR A 117 -19.65 2.50 -25.15
C THR A 117 -18.95 3.76 -25.64
N CYS A 118 -17.67 3.94 -25.33
CA CYS A 118 -16.98 5.21 -25.58
C CYS A 118 -15.78 5.08 -26.48
N LEU A 119 -15.03 4.00 -26.35
CA LEU A 119 -13.83 3.82 -27.18
C LEU A 119 -14.14 3.84 -28.65
N PRO A 120 -15.11 3.10 -29.17
CA PRO A 120 -15.34 3.14 -30.63
C PRO A 120 -15.68 4.52 -31.12
N ALA A 121 -16.43 5.31 -30.35
CA ALA A 121 -16.78 6.64 -30.84
C ALA A 121 -15.58 7.56 -30.81
N THR A 122 -14.74 7.44 -29.78
CA THR A 122 -13.52 8.23 -29.72
C THR A 122 -12.60 7.92 -30.90
N LEU A 123 -12.53 6.65 -31.32
CA LEU A 123 -11.69 6.30 -32.46
C LEU A 123 -12.19 6.98 -33.72
N VAL A 124 -13.50 7.02 -33.93
CA VAL A 124 -14.03 7.68 -35.13
C VAL A 124 -13.75 9.18 -35.09
N VAL A 125 -14.00 9.81 -33.94
CA VAL A 125 -13.88 11.27 -33.89
C VAL A 125 -12.43 11.68 -34.15
N ASP A 126 -11.48 11.00 -33.50
CA ASP A 126 -10.08 11.37 -33.66
C ASP A 126 -9.55 11.12 -35.06
N ILE A 127 -10.20 10.23 -35.81
CA ILE A 127 -9.80 9.94 -37.18
C ILE A 127 -10.55 10.81 -38.19
N THR A 128 -11.84 11.03 -37.99
CA THR A 128 -12.63 11.76 -38.98
C THR A 128 -12.90 13.20 -38.59
N GLU A 129 -12.65 13.56 -37.34
CA GLU A 129 -12.96 14.89 -36.82
C GLU A 129 -14.43 15.24 -37.03
N THR A 130 -15.30 14.24 -36.91
CA THR A 130 -16.74 14.43 -37.14
C THR A 130 -17.54 13.56 -36.19
N TRP A 131 -18.71 14.07 -35.80
CA TRP A 131 -19.62 13.37 -34.89
C TRP A 131 -20.73 12.71 -35.70
N PHE A 132 -20.59 11.40 -35.93
CA PHE A 132 -21.54 10.64 -36.72
C PHE A 132 -22.75 10.15 -35.93
N PHE A 133 -22.69 10.23 -34.61
CA PHE A 133 -23.76 9.77 -33.74
C PHE A 133 -24.70 10.92 -33.41
N GLY A 134 -25.79 10.61 -32.74
CA GLY A 134 -26.86 11.58 -32.59
C GLY A 134 -26.47 12.69 -31.64
N GLN A 135 -27.36 13.69 -31.56
CA GLN A 135 -27.24 14.68 -30.51
C GLN A 135 -27.45 14.06 -29.13
N SER A 136 -28.28 13.01 -29.06
CA SER A 136 -28.51 12.35 -27.78
C SER A 136 -27.24 11.65 -27.29
N LEU A 137 -26.56 10.94 -28.20
CA LEU A 137 -25.30 10.30 -27.82
C LEU A 137 -24.18 11.32 -27.63
N CYS A 138 -24.32 12.53 -28.18
CA CYS A 138 -23.34 13.57 -27.91
C CYS A 138 -23.34 13.96 -26.43
N LYS A 139 -24.47 13.82 -25.74
CA LYS A 139 -24.52 14.00 -24.29
C LYS A 139 -24.12 12.74 -23.54
N VAL A 140 -24.56 11.57 -24.01
CA VAL A 140 -24.46 10.36 -23.21
C VAL A 140 -23.03 9.85 -23.17
N ILE A 141 -22.38 9.73 -24.34
CA ILE A 141 -21.01 9.22 -24.37
C ILE A 141 -20.07 10.08 -23.55
N PRO A 142 -20.01 11.41 -23.74
CA PRO A 142 -19.13 12.23 -22.89
C PRO A 142 -19.46 12.11 -21.42
N TYR A 143 -20.73 11.93 -21.07
CA TYR A 143 -21.09 11.70 -19.69
C TYR A 143 -20.51 10.37 -19.18
N LEU A 144 -20.71 9.30 -19.94
CA LEU A 144 -20.20 8.00 -19.50
C LEU A 144 -18.69 8.02 -19.39
N GLN A 145 -18.00 8.77 -20.25
CA GLN A 145 -16.55 8.79 -20.19
C GLN A 145 -16.06 9.53 -18.96
N THR A 146 -16.62 10.71 -18.70
CA THR A 146 -16.21 11.47 -17.52
C THR A 146 -16.62 10.77 -16.23
N VAL A 147 -17.82 10.18 -16.20
CA VAL A 147 -18.25 9.46 -15.00
C VAL A 147 -17.26 8.34 -14.70
N SER A 148 -16.83 7.64 -15.74
CA SER A 148 -15.91 6.52 -15.57
C SER A 148 -14.54 6.98 -15.11
N VAL A 149 -14.15 8.21 -15.47
CA VAL A 149 -12.90 8.76 -14.97
C VAL A 149 -13.02 9.10 -13.50
N SER A 150 -14.18 9.61 -13.10
CA SER A 150 -14.39 9.91 -11.69
C SER A 150 -14.50 8.63 -10.86
N VAL A 151 -15.29 7.66 -11.33
CA VAL A 151 -15.42 6.41 -10.60
C VAL A 151 -14.06 5.76 -10.45
N SER A 152 -13.18 5.94 -11.44
CA SER A 152 -11.85 5.37 -11.38
C SER A 152 -11.00 6.05 -10.30
N ALA A 153 -11.00 7.38 -10.29
CA ALA A 153 -10.13 8.10 -9.35
C ALA A 153 -10.60 7.90 -7.91
N LEU A 154 -11.90 8.08 -7.66
CA LEU A 154 -12.41 7.90 -6.29
C LEU A 154 -12.25 6.47 -5.82
N THR A 155 -12.36 5.50 -6.73
CA THR A 155 -12.14 4.12 -6.31
C THR A 155 -10.69 3.89 -5.95
N LEU A 156 -9.75 4.42 -6.74
CA LEU A 156 -8.35 4.26 -6.37
C LEU A 156 -8.02 4.97 -5.07
N SER A 157 -8.67 6.11 -4.82
CA SER A 157 -8.48 6.78 -3.54
C SER A 157 -9.07 5.96 -2.40
N CYS A 158 -10.20 5.29 -2.63
CA CYS A 158 -10.76 4.47 -1.56
C CYS A 158 -9.90 3.26 -1.26
N ILE A 159 -9.23 2.71 -2.27
CA ILE A 159 -8.33 1.60 -2.00
C ILE A 159 -7.17 2.05 -1.13
N ALA A 160 -6.70 3.28 -1.36
CA ALA A 160 -5.59 3.80 -0.58
C ALA A 160 -6.02 4.08 0.86
N LEU A 161 -7.23 4.63 1.06
CA LEU A 161 -7.71 4.81 2.41
C LEU A 161 -7.86 3.48 3.13
N ASP A 162 -8.43 2.48 2.46
CA ASP A 162 -8.69 1.22 3.15
C ASP A 162 -7.39 0.53 3.52
N ARG A 163 -6.36 0.64 2.67
CA ARG A 163 -5.06 0.11 3.06
C ARG A 163 -4.45 0.90 4.22
N TRP A 164 -4.61 2.23 4.21
CA TRP A 164 -3.98 3.06 5.23
C TRP A 164 -4.60 2.83 6.59
N TYR A 165 -5.93 2.73 6.64
CA TYR A 165 -6.57 2.47 7.92
C TYR A 165 -6.27 1.08 8.43
N ALA A 166 -5.96 0.15 7.52
CA ALA A 166 -5.69 -1.22 7.93
C ALA A 166 -4.22 -1.43 8.29
N ILE A 167 -3.31 -0.71 7.63
CA ILE A 167 -1.88 -0.91 7.84
C ILE A 167 -1.29 0.13 8.78
N CYS A 168 -1.74 1.38 8.69
CA CYS A 168 -1.06 2.46 9.41
C CYS A 168 -1.80 2.94 10.63
N HIS A 169 -3.12 3.04 10.58
CA HIS A 169 -3.86 3.57 11.72
C HIS A 169 -3.72 2.62 12.91
N PRO A 170 -3.53 3.15 14.12
CA PRO A 170 -3.33 2.27 15.29
C PRO A 170 -4.46 1.29 15.54
N LEU A 171 -5.70 1.67 15.24
CA LEU A 171 -6.81 0.74 15.38
C LEU A 171 -6.81 -0.35 14.31
N MET A 172 -6.16 -0.13 13.17
CA MET A 172 -6.06 -1.12 12.10
C MET A 172 -7.41 -1.77 11.82
N PHE A 173 -8.30 -0.94 11.29
CA PHE A 173 -9.65 -1.38 10.96
C PHE A 173 -9.62 -2.45 9.86
N LYS A 174 -10.43 -3.49 10.04
CA LYS A 174 -10.65 -4.50 9.00
C LYS A 174 -12.00 -4.20 8.36
N SER A 175 -11.98 -3.64 7.15
CA SER A 175 -13.22 -3.33 6.47
C SER A 175 -13.93 -4.61 6.05
N THR A 176 -15.26 -4.55 5.99
CA THR A 176 -16.09 -5.65 5.53
C THR A 176 -16.53 -5.41 4.08
N ALA A 177 -17.03 -6.48 3.44
CA ALA A 177 -17.49 -6.36 2.06
C ALA A 177 -18.74 -5.50 1.94
N LYS A 178 -19.58 -5.47 2.97
CA LYS A 178 -20.75 -4.59 2.92
C LYS A 178 -20.32 -3.12 2.98
N ARG A 179 -19.28 -2.83 3.78
CA ARG A 179 -18.76 -1.47 3.80
C ARG A 179 -18.17 -1.08 2.45
N ALA A 180 -17.45 -2.01 1.81
CA ALA A 180 -16.87 -1.75 0.50
C ALA A 180 -17.94 -1.57 -0.57
N LEU A 181 -19.07 -2.27 -0.45
CA LEU A 181 -20.14 -2.16 -1.45
C LEU A 181 -20.87 -0.84 -1.31
N ASN A 182 -21.12 -0.39 -0.08
CA ASN A 182 -21.78 0.89 0.12
C ASN A 182 -20.94 2.05 -0.39
N SER A 183 -19.62 1.97 -0.25
CA SER A 183 -18.74 2.99 -0.80
C SER A 183 -18.77 2.96 -2.33
N ILE A 184 -18.95 1.77 -2.91
CA ILE A 184 -19.02 1.67 -4.36
C ILE A 184 -20.32 2.27 -4.87
N VAL A 185 -21.42 2.01 -4.18
CA VAL A 185 -22.68 2.64 -4.55
C VAL A 185 -22.59 4.15 -4.39
N ILE A 186 -21.92 4.61 -3.33
CA ILE A 186 -21.80 6.05 -3.16
C ILE A 186 -20.93 6.66 -4.25
N ILE A 187 -19.87 5.94 -4.65
CA ILE A 187 -18.94 6.46 -5.65
C ILE A 187 -19.65 6.67 -6.99
N TRP A 188 -20.49 5.72 -7.38
CA TRP A 188 -21.24 5.91 -8.61
C TRP A 188 -22.23 7.08 -8.47
N ILE A 189 -22.93 7.16 -7.34
CA ILE A 189 -23.92 8.22 -7.16
C ILE A 189 -23.24 9.59 -7.20
N VAL A 190 -22.16 9.75 -6.45
CA VAL A 190 -21.42 11.02 -6.46
C VAL A 190 -20.85 11.29 -7.84
N SER A 191 -20.32 10.26 -8.51
CA SER A 191 -19.73 10.48 -9.83
C SER A 191 -20.80 10.85 -10.84
N CYS A 192 -21.96 10.22 -10.77
CA CYS A 192 -23.04 10.58 -11.69
C CYS A 192 -23.56 11.98 -11.44
N ILE A 193 -23.42 12.48 -10.20
CA ILE A 193 -24.00 13.78 -9.89
C ILE A 193 -23.07 14.91 -10.31
N ILE A 194 -21.77 14.78 -10.02
CA ILE A 194 -20.83 15.84 -10.36
C ILE A 194 -20.67 15.98 -11.87
N MET A 195 -20.88 14.91 -12.64
CA MET A 195 -20.74 14.97 -14.09
C MET A 195 -22.01 15.42 -14.80
N ILE A 196 -23.08 15.72 -14.06
CA ILE A 196 -24.26 16.29 -14.69
C ILE A 196 -23.93 17.57 -15.45
N PRO A 197 -23.22 18.54 -14.85
CA PRO A 197 -22.95 19.77 -15.61
C PRO A 197 -22.21 19.50 -16.90
N GLN A 198 -21.38 18.45 -16.93
CA GLN A 198 -20.70 18.09 -18.16
C GLN A 198 -21.67 17.63 -19.24
N ALA A 199 -22.69 16.87 -18.88
CA ALA A 199 -23.68 16.51 -19.89
C ALA A 199 -24.50 17.74 -20.30
N ILE A 200 -24.67 18.70 -19.39
CA ILE A 200 -25.50 19.87 -19.69
C ILE A 200 -24.89 20.70 -20.83
N VAL A 201 -23.57 20.78 -20.87
CA VAL A 201 -22.88 21.68 -21.81
C VAL A 201 -22.51 21.05 -23.15
N MET A 202 -22.52 19.72 -23.25
CA MET A 202 -22.26 19.09 -24.55
C MET A 202 -23.37 19.44 -25.52
N GLU A 203 -22.98 19.82 -26.73
CA GLU A 203 -23.94 20.25 -27.74
C GLU A 203 -23.36 20.00 -29.11
N CYS A 204 -24.14 19.30 -29.94
CA CYS A 204 -23.80 19.01 -31.32
C CYS A 204 -24.18 20.19 -32.19
N SER A 205 -23.24 20.67 -33.00
CA SER A 205 -23.42 21.87 -33.82
C SER A 205 -22.82 21.66 -35.21
N THR A 206 -23.28 22.47 -36.15
CA THR A 206 -22.82 22.42 -37.54
C THR A 206 -21.70 23.45 -37.76
N VAL A 207 -20.53 22.99 -38.20
CA VAL A 207 -19.39 23.85 -38.49
C VAL A 207 -19.27 24.01 -40.00
N PHE A 208 -18.73 25.16 -40.43
CA PHE A 208 -18.56 25.49 -41.85
C PHE A 208 -17.10 25.84 -42.12
N PRO A 209 -16.25 24.85 -42.48
CA PRO A 209 -14.83 25.11 -42.78
C PRO A 209 -14.61 25.95 -44.05
N THR A 215 -17.65 24.52 -49.02
CA THR A 215 -18.94 24.84 -48.40
C THR A 215 -19.63 23.61 -47.81
N THR A 216 -18.89 22.50 -47.74
CA THR A 216 -19.35 21.29 -47.08
C THR A 216 -19.05 21.35 -45.59
N ALA A 217 -20.02 20.95 -44.77
CA ALA A 217 -20.04 21.27 -43.35
C ALA A 217 -19.91 20.03 -42.47
N PHE A 218 -19.29 20.23 -41.30
CA PHE A 218 -19.19 19.26 -40.22
C PHE A 218 -20.49 19.16 -39.44
N THR A 219 -20.54 18.13 -38.60
CA THR A 219 -21.33 18.16 -37.37
C THR A 219 -20.39 17.67 -36.27
N VAL A 220 -20.18 18.50 -35.26
CA VAL A 220 -19.21 18.19 -34.21
C VAL A 220 -19.90 18.20 -32.86
N CYS A 221 -19.33 17.45 -31.94
CA CYS A 221 -19.80 17.37 -30.56
C CYS A 221 -18.76 18.01 -29.66
N ASP A 222 -19.16 18.99 -28.87
CA ASP A 222 -18.22 19.73 -28.04
C ASP A 222 -18.98 20.44 -26.93
N GLU A 223 -18.24 20.87 -25.91
CA GLU A 223 -18.81 21.70 -24.86
C GLU A 223 -19.19 23.06 -25.41
N ARG A 224 -20.31 23.60 -24.92
CA ARG A 224 -20.81 24.91 -25.34
C ARG A 224 -21.11 25.74 -24.09
N TRP A 225 -20.22 26.68 -23.78
CA TRP A 225 -20.34 27.52 -22.60
C TRP A 225 -20.83 28.91 -22.98
N GLY A 226 -21.77 29.43 -22.19
CA GLY A 226 -22.13 30.83 -22.30
C GLY A 226 -21.23 31.69 -21.42
N GLY A 227 -20.23 32.31 -22.02
CA GLY A 227 -19.26 33.12 -21.31
C GLY A 227 -17.94 32.39 -21.13
N GLU A 228 -16.85 33.17 -21.09
CA GLU A 228 -15.48 32.66 -21.07
C GLU A 228 -14.94 32.40 -19.67
N ILE A 229 -15.71 32.67 -18.63
CA ILE A 229 -15.28 32.41 -17.26
C ILE A 229 -15.62 30.99 -16.82
N ALA A 230 -16.86 30.54 -17.05
CA ALA A 230 -17.26 29.26 -16.48
C ALA A 230 -16.37 28.12 -16.91
N PRO A 231 -16.07 27.92 -18.20
CA PRO A 231 -15.24 26.76 -18.58
C PRO A 231 -13.89 26.75 -17.90
N LYS A 232 -13.29 27.92 -17.69
CA LYS A 232 -11.97 27.98 -17.07
C LYS A 232 -12.05 27.55 -15.62
N MET A 233 -13.07 28.01 -14.89
CA MET A 233 -13.24 27.60 -13.51
C MET A 233 -13.67 26.14 -13.40
N TYR A 234 -14.50 25.68 -14.34
CA TYR A 234 -14.97 24.31 -14.28
C TYR A 234 -13.81 23.33 -14.48
N HIS A 235 -13.02 23.53 -15.53
CA HIS A 235 -11.96 22.57 -15.79
C HIS A 235 -10.86 22.64 -14.74
N ILE A 236 -10.72 23.76 -14.03
CA ILE A 236 -9.86 23.75 -12.85
C ILE A 236 -10.40 22.79 -11.80
N CYS A 237 -11.72 22.78 -11.64
CA CYS A 237 -12.34 21.86 -10.68
C CYS A 237 -12.37 20.43 -11.19
N PHE A 238 -12.52 20.25 -12.50
CA PHE A 238 -12.42 18.91 -13.07
C PHE A 238 -11.02 18.36 -12.91
N PHE A 239 -10.01 19.24 -12.99
CA PHE A 239 -8.63 18.79 -12.85
C PHE A 239 -8.36 18.34 -11.42
N LEU A 240 -8.77 19.13 -10.45
CA LEU A 240 -8.54 18.77 -9.05
C LEU A 240 -9.33 17.52 -8.66
N VAL A 241 -10.59 17.45 -9.04
CA VAL A 241 -11.44 16.30 -8.61
C VAL A 241 -11.00 14.97 -9.22
N THR A 242 -10.63 14.93 -10.49
CA THR A 242 -10.34 13.65 -11.17
C THR A 242 -8.91 13.27 -10.80
N TYR A 243 -7.97 14.20 -10.80
CA TYR A 243 -6.52 13.89 -10.87
C TYR A 243 -5.72 14.51 -9.73
N ALA A 244 -5.59 15.82 -9.73
CA ALA A 244 -4.65 16.38 -8.74
C ALA A 244 -5.04 16.06 -7.30
N ALA A 245 -6.29 16.25 -6.89
CA ALA A 245 -6.59 16.00 -5.46
C ALA A 245 -6.45 14.52 -5.11
N PRO A 246 -7.04 13.57 -5.87
CA PRO A 246 -6.88 12.13 -5.58
C PRO A 246 -5.45 11.67 -5.68
N LEU A 247 -4.67 12.21 -6.62
CA LEU A 247 -3.31 11.71 -6.76
C LEU A 247 -2.41 12.21 -5.63
N CYS A 248 -2.64 13.42 -5.13
CA CYS A 248 -1.90 13.86 -3.96
C CYS A 248 -2.24 13.01 -2.75
N LEU A 249 -3.53 12.72 -2.56
CA LEU A 249 -3.94 11.96 -1.40
C LEU A 249 -3.33 10.57 -1.42
N MET A 250 -3.25 9.97 -2.60
CA MET A 250 -2.65 8.64 -2.68
C MET A 250 -1.15 8.69 -2.45
N VAL A 251 -0.47 9.74 -2.94
CA VAL A 251 0.97 9.80 -2.71
C VAL A 251 1.26 9.90 -1.22
N LEU A 252 0.48 10.71 -0.49
CA LEU A 252 0.74 10.84 0.94
C LEU A 252 0.44 9.54 1.67
N LEU A 253 -0.55 8.78 1.21
CA LEU A 253 -0.97 7.57 1.90
C LEU A 253 0.01 6.43 1.63
N TYR A 254 0.36 6.20 0.36
CA TYR A 254 1.30 5.12 0.07
C TYR A 254 2.71 5.44 0.56
N LEU A 255 3.07 6.72 0.72
CA LEU A 255 4.39 7.00 1.29
C LEU A 255 4.48 6.57 2.75
N GLN A 256 3.41 6.73 3.52
CA GLN A 256 3.41 6.20 4.88
C GLN A 256 3.36 4.68 4.87
N ILE A 257 2.63 4.09 3.94
CA ILE A 257 2.51 2.63 3.88
C ILE A 257 3.84 2.01 3.48
N PHE A 258 4.51 2.61 2.50
CA PHE A 258 5.80 2.09 2.07
C PHE A 258 6.82 2.15 3.20
N ARG A 259 6.94 3.32 3.84
CA ARG A 259 7.97 3.46 4.87
C ARG A 259 7.74 2.48 6.01
N LYS A 260 6.49 2.14 6.29
CA LYS A 260 6.23 1.19 7.36
C LYS A 260 6.47 -0.24 6.91
N LEU A 261 5.89 -0.62 5.77
CA LEU A 261 6.00 -2.01 5.32
C LEU A 261 7.40 -2.36 4.88
N TRP A 262 8.12 -1.42 4.30
CA TRP A 262 9.42 -1.70 3.70
C TRP A 262 10.60 -1.42 4.62
N CYS A 263 10.48 -0.45 5.51
CA CYS A 263 11.61 -0.04 6.33
C CYS A 263 11.36 -0.31 7.81
N ARG A 264 10.32 0.31 8.39
CA ARG A 264 10.07 0.21 9.82
C ARG A 264 9.66 -1.20 10.28
N GLN A 265 9.14 -2.03 9.39
CA GLN A 265 8.85 -3.42 9.71
C GLN A 265 9.57 -4.40 8.81
N GLY A 266 10.36 -3.92 7.85
CA GLY A 266 11.02 -4.80 6.91
C GLY A 266 12.22 -5.49 7.51
N ILE A 267 11.98 -6.60 8.23
CA ILE A 267 13.06 -7.35 8.86
C ILE A 267 13.79 -8.18 7.81
N ASP A 268 15.08 -8.41 8.04
CA ASP A 268 15.89 -9.18 7.11
C ASP A 268 15.77 -10.67 7.40
N SER A 270 16.98 -13.25 5.84
CA SER A 270 18.21 -14.00 5.63
C SER A 270 19.25 -13.80 6.74
N PHE A 271 19.28 -12.60 7.32
CA PHE A 271 20.26 -12.33 8.37
C PHE A 271 19.80 -12.83 9.73
N TRP A 272 18.56 -12.54 10.13
CA TRP A 272 18.08 -12.91 11.45
C TRP A 272 17.52 -14.33 11.42
N ASN A 273 18.45 -15.27 11.33
CA ASN A 273 18.18 -16.69 11.31
C ASN A 273 18.91 -17.37 12.45
N GLU A 274 18.31 -18.44 12.98
CA GLU A 274 18.96 -19.25 13.99
C GLU A 274 20.05 -20.15 13.41
N SER A 275 20.12 -20.30 12.08
CA SER A 275 21.14 -21.15 11.47
C SER A 275 22.54 -20.60 11.70
N TYR A 276 22.68 -19.30 11.87
CA TYR A 276 23.97 -18.66 12.10
C TYR A 276 24.58 -19.00 13.45
N LEU A 277 23.78 -19.50 14.39
CA LEU A 277 24.25 -19.97 15.69
C LEU A 277 24.91 -21.33 15.58
N THR A 278 25.82 -21.62 16.53
CA THR A 278 26.49 -22.91 16.64
C THR A 278 26.43 -23.42 18.07
N GLY A 279 26.42 -24.75 18.20
CA GLY A 279 26.33 -25.37 19.51
C GLY A 279 24.91 -25.30 20.05
N SER A 280 24.78 -25.70 21.33
CA SER A 280 23.54 -25.60 22.07
C SER A 280 23.39 -24.22 22.70
N ARG A 281 22.14 -23.83 22.96
CA ARG A 281 21.88 -22.53 23.57
C ARG A 281 22.51 -22.43 24.96
N ASP A 282 22.59 -23.56 25.69
CA ASP A 282 23.23 -23.54 27.00
C ASP A 282 24.70 -23.16 26.88
N GLU A 283 25.39 -23.72 25.87
CA GLU A 283 26.82 -23.44 25.69
C GLU A 283 27.05 -21.98 25.31
N ARG A 284 26.15 -21.41 24.49
CA ARG A 284 26.31 -20.02 24.10
C ARG A 284 26.05 -19.08 25.28
N LYS A 285 24.98 -19.34 26.03
CA LYS A 285 24.67 -18.49 27.17
C LYS A 285 25.75 -18.58 28.23
N LYS A 286 26.32 -19.78 28.42
CA LYS A 286 27.40 -19.92 29.40
C LYS A 286 28.65 -19.16 28.94
N SER A 287 29.01 -19.29 27.67
CA SER A 287 30.11 -18.49 27.14
C SER A 287 29.78 -17.00 27.19
N LEU A 288 28.50 -16.65 27.01
CA LEU A 288 28.13 -15.24 27.01
C LEU A 288 28.35 -14.62 28.39
N LEU A 289 27.84 -15.28 29.44
CA LEU A 289 27.99 -14.77 30.79
C LEU A 289 29.45 -14.79 31.24
N SER A 290 30.22 -15.79 30.77
CA SER A 290 31.64 -15.84 31.14
C SER A 290 32.41 -14.65 30.60
N LYS A 291 32.05 -14.17 29.41
CA LYS A 291 32.74 -13.02 28.83
C LYS A 291 32.52 -11.77 29.66
N PHE A 292 31.32 -11.62 30.23
CA PHE A 292 30.97 -10.47 31.04
C PHE A 292 31.34 -10.64 32.50
N GLY A 293 31.98 -11.76 32.85
CA GLY A 293 32.37 -12.02 34.22
C GLY A 293 31.24 -12.41 35.14
N MET A 294 30.35 -13.30 34.68
CA MET A 294 29.17 -13.66 35.45
C MET A 294 28.96 -15.17 35.46
N ASP A 295 28.31 -15.64 36.53
CA ASP A 295 27.92 -17.03 36.69
C ASP A 295 26.73 -17.36 35.80
N GLU A 296 26.56 -18.64 35.49
CA GLU A 296 25.39 -19.07 34.73
C GLU A 296 24.13 -18.74 35.51
N GLY A 297 23.11 -18.26 34.80
CA GLY A 297 21.83 -17.90 35.39
C GLY A 297 20.85 -17.53 34.30
N VAL A 298 19.63 -17.20 34.73
CA VAL A 298 18.60 -16.75 33.80
C VAL A 298 18.92 -15.33 33.36
N THR A 299 19.11 -15.13 32.05
CA THR A 299 19.64 -13.89 31.50
C THR A 299 18.55 -13.04 30.86
N PHE A 300 18.50 -11.77 31.25
CA PHE A 300 17.61 -10.78 30.64
C PHE A 300 18.44 -9.74 29.91
N MET A 301 17.88 -9.19 28.84
CA MET A 301 18.64 -8.25 28.02
C MET A 301 17.75 -7.11 27.56
N PHE A 302 18.30 -5.89 27.62
CA PHE A 302 17.67 -4.68 27.12
C PHE A 302 18.58 -4.06 26.09
N ILE A 303 18.06 -3.83 24.89
CA ILE A 303 18.80 -3.12 23.85
C ILE A 303 17.96 -1.94 23.38
N GLY A 304 18.54 -0.75 23.42
CA GLY A 304 17.83 0.43 23.00
C GLY A 304 18.47 1.67 23.57
N ARG A 305 18.02 2.81 23.06
CA ARG A 305 18.50 4.11 23.50
C ARG A 305 18.01 4.40 24.92
N PHE A 306 18.78 5.24 25.63
CA PHE A 306 18.39 5.68 26.98
C PHE A 306 17.59 6.98 26.85
N ASP A 307 16.26 6.86 26.98
CA ASP A 307 15.29 7.89 26.63
C ASP A 307 14.44 8.29 27.82
N ARG A 308 13.76 9.43 27.69
CA ARG A 308 12.85 9.90 28.73
C ARG A 308 11.50 9.19 28.66
N GLY A 309 10.78 9.36 27.55
CA GLY A 309 9.50 8.71 27.38
C GLY A 309 9.28 7.57 26.41
N GLN A 310 10.35 7.02 25.85
CA GLN A 310 10.34 6.20 24.65
C GLN A 310 10.65 4.74 24.98
N LYS A 311 11.94 4.37 24.96
CA LYS A 311 12.35 2.97 25.06
C LYS A 311 12.21 2.35 26.45
N GLY A 312 12.06 3.14 27.51
CA GLY A 312 11.71 2.57 28.81
C GLY A 312 12.83 2.04 29.67
N VAL A 313 14.09 2.39 29.40
CA VAL A 313 15.16 1.96 30.31
C VAL A 313 14.94 2.51 31.71
N ASP A 314 14.29 3.67 31.84
CA ASP A 314 14.02 4.19 33.17
C ASP A 314 13.06 3.29 33.93
N VAL A 315 12.16 2.62 33.21
CA VAL A 315 11.29 1.63 33.83
C VAL A 315 12.07 0.38 34.21
N LEU A 316 12.97 -0.05 33.34
CA LEU A 316 13.77 -1.23 33.68
C LEU A 316 14.65 -0.97 34.88
N LEU A 317 15.22 0.25 34.98
CA LEU A 317 16.07 0.57 36.12
C LEU A 317 15.25 0.64 37.41
N LYS A 318 14.04 1.21 37.32
CA LYS A 318 13.16 1.21 38.47
C LYS A 318 12.74 -0.19 38.85
N ALA A 319 12.61 -1.07 37.84
CA ALA A 319 12.28 -2.46 38.14
C ALA A 319 13.43 -3.15 38.84
N ILE A 320 14.66 -2.90 38.39
CA ILE A 320 15.80 -3.58 39.00
C ILE A 320 15.97 -3.13 40.45
N GLU A 321 15.62 -1.89 40.77
CA GLU A 321 15.69 -1.45 42.16
C GLU A 321 14.70 -2.21 43.03
N ILE A 322 13.53 -2.53 42.47
CA ILE A 322 12.51 -3.28 43.21
C ILE A 322 12.98 -4.69 43.49
N LEU A 323 13.45 -5.38 42.44
CA LEU A 323 13.88 -6.77 42.56
C LEU A 323 15.15 -6.90 43.41
N SER A 324 15.97 -5.86 43.48
CA SER A 324 17.30 -6.02 44.08
C SER A 324 17.23 -6.36 45.55
N SER A 325 16.11 -6.02 46.22
CA SER A 325 15.92 -6.30 47.64
C SER A 325 15.44 -7.72 47.91
N LYS A 326 15.18 -8.53 46.88
CA LYS A 326 14.74 -9.91 47.04
C LYS A 326 15.89 -10.88 46.80
N LYS A 327 15.84 -12.02 47.50
CA LYS A 327 16.87 -13.05 47.35
C LYS A 327 16.88 -13.65 45.96
N GLU A 328 15.72 -13.69 45.28
CA GLU A 328 15.63 -14.27 43.94
C GLU A 328 16.44 -13.47 42.93
N PHE A 329 16.74 -12.20 43.23
CA PHE A 329 17.50 -11.34 42.32
C PHE A 329 18.89 -11.91 42.04
N GLN A 330 19.44 -12.72 42.94
CA GLN A 330 20.76 -13.29 42.74
C GLN A 330 20.76 -14.44 41.75
N GLU A 331 19.58 -14.93 41.36
CA GLU A 331 19.51 -15.93 40.29
C GLU A 331 19.56 -15.30 38.90
N MET A 332 19.19 -14.03 38.77
CA MET A 332 19.03 -13.37 37.48
C MET A 332 20.32 -12.69 37.02
N ARG A 333 20.44 -12.52 35.71
CA ARG A 333 21.51 -11.74 35.10
C ARG A 333 20.90 -10.74 34.14
N PHE A 334 21.43 -9.52 34.13
CA PHE A 334 20.85 -8.43 33.35
C PHE A 334 21.93 -7.81 32.46
N ILE A 335 21.72 -7.88 31.15
CA ILE A 335 22.53 -7.15 30.18
C ILE A 335 21.69 -5.96 29.69
N ILE A 336 22.17 -4.75 29.97
CA ILE A 336 21.51 -3.52 29.57
C ILE A 336 22.40 -2.83 28.54
N ILE A 337 21.93 -2.75 27.29
CA ILE A 337 22.74 -2.30 26.16
C ILE A 337 22.16 -1.00 25.61
N GLY A 338 22.90 0.09 25.75
CA GLY A 338 22.48 1.35 25.19
C GLY A 338 23.28 2.52 25.71
N LYS A 339 22.91 3.70 25.21
CA LYS A 339 23.49 4.97 25.65
C LYS A 339 22.50 6.08 25.32
N GLY A 340 22.79 7.27 25.84
CA GLY A 340 21.92 8.42 25.63
C GLY A 340 21.91 8.97 27.02
N ASP A 341 20.75 9.46 27.46
CA ASP A 341 20.56 10.37 28.57
C ASP A 341 21.67 10.18 29.61
N PRO A 342 22.49 11.19 29.87
CA PRO A 342 23.59 10.98 30.84
C PRO A 342 23.14 10.60 32.24
N GLU A 343 22.00 11.09 32.72
CA GLU A 343 21.58 10.71 34.06
C GLU A 343 21.09 9.27 34.11
N LEU A 344 20.48 8.79 33.03
CA LEU A 344 20.13 7.37 32.98
C LEU A 344 21.37 6.50 32.86
N GLU A 345 22.38 6.95 32.11
CA GLU A 345 23.62 6.19 32.04
C GLU A 345 24.31 6.11 33.39
N GLY A 346 24.22 7.19 34.18
CA GLY A 346 24.79 7.17 35.51
C GLY A 346 23.97 6.37 36.50
N TRP A 347 22.67 6.24 36.23
CA TRP A 347 21.85 5.38 37.06
C TRP A 347 22.12 3.91 36.77
N ALA A 348 22.21 3.56 35.47
CA ALA A 348 22.54 2.19 35.10
C ALA A 348 23.98 1.84 35.47
N ARG A 349 24.91 2.79 35.34
CA ARG A 349 26.27 2.51 35.74
C ARG A 349 26.39 2.31 37.24
N SER A 350 25.52 2.97 38.01
CA SER A 350 25.57 2.83 39.46
C SER A 350 25.04 1.48 39.91
N LEU A 351 23.99 0.97 39.23
CA LEU A 351 23.53 -0.38 39.54
C LEU A 351 24.54 -1.42 39.11
N GLU A 352 25.30 -1.15 38.05
CA GLU A 352 26.29 -2.13 37.58
C GLU A 352 27.45 -2.26 38.57
N GLU A 353 27.86 -1.14 39.17
CA GLU A 353 28.92 -1.15 40.18
C GLU A 353 28.47 -1.84 41.46
N LYS A 354 27.18 -1.79 41.75
CA LYS A 354 26.65 -2.35 42.98
C LYS A 354 26.47 -3.86 42.89
N HIS A 355 26.07 -4.35 41.72
CA HIS A 355 25.65 -5.73 41.54
C HIS A 355 26.57 -6.44 40.56
N GLY A 356 27.00 -7.63 40.94
CA GLY A 356 27.83 -8.45 40.09
C GLY A 356 27.05 -9.20 39.03
N ASN A 357 25.72 -9.05 39.02
CA ASN A 357 24.86 -9.68 38.01
C ASN A 357 24.23 -8.65 37.08
N VAL A 358 24.78 -7.44 37.02
CA VAL A 358 24.35 -6.43 36.07
C VAL A 358 25.56 -5.99 35.26
N LYS A 359 25.33 -5.71 33.98
CA LYS A 359 26.38 -5.34 33.04
C LYS A 359 25.80 -4.39 32.01
N VAL A 360 26.39 -3.20 31.93
CA VAL A 360 25.95 -2.16 31.01
C VAL A 360 26.96 -2.06 29.87
N ILE A 361 26.45 -2.00 28.65
CA ILE A 361 27.25 -1.86 27.45
C ILE A 361 26.77 -0.58 26.75
N THR A 362 27.64 0.43 26.70
CA THR A 362 27.34 1.69 26.02
C THR A 362 28.01 1.82 24.66
N GLU A 363 29.00 0.99 24.35
CA GLU A 363 29.68 1.02 23.06
C GLU A 363 28.82 0.40 21.98
N MET A 364 29.01 0.87 20.75
CA MET A 364 28.25 0.38 19.59
C MET A 364 28.54 -1.10 19.33
N LEU A 365 27.49 -1.85 19.01
CA LEU A 365 27.58 -3.29 18.74
C LEU A 365 27.13 -3.59 17.31
N SER A 366 27.83 -4.52 16.66
CA SER A 366 27.54 -4.98 15.31
C SER A 366 26.34 -5.92 15.28
N ARG A 367 25.66 -5.96 14.13
CA ARG A 367 24.44 -6.76 14.03
C ARG A 367 24.70 -8.23 14.36
N GLU A 368 25.87 -8.75 13.96
CA GLU A 368 26.19 -10.13 14.27
C GLU A 368 26.33 -10.35 15.78
N PHE A 369 26.83 -9.36 16.50
CA PHE A 369 26.95 -9.51 17.94
C PHE A 369 25.57 -9.52 18.59
N VAL A 370 24.69 -8.62 18.16
CA VAL A 370 23.35 -8.56 18.71
C VAL A 370 22.58 -9.83 18.36
N ARG A 371 22.84 -10.37 17.17
CA ARG A 371 22.22 -11.63 16.79
C ARG A 371 22.72 -12.77 17.67
N GLU A 372 24.01 -12.74 18.02
CA GLU A 372 24.53 -13.75 18.94
C GLU A 372 23.86 -13.62 20.31
N LEU A 373 23.63 -12.39 20.78
CA LEU A 373 22.97 -12.18 22.05
C LEU A 373 21.52 -12.65 22.02
N TYR A 374 20.81 -12.40 20.92
CA TYR A 374 19.43 -12.88 20.83
C TYR A 374 19.39 -14.40 20.90
N GLY A 375 20.43 -15.07 20.42
CA GLY A 375 20.52 -16.51 20.42
C GLY A 375 21.00 -17.13 21.71
N SER A 376 21.35 -16.32 22.70
CA SER A 376 21.98 -16.82 23.93
C SER A 376 21.27 -16.39 25.21
N VAL A 377 20.80 -15.14 25.28
CA VAL A 377 20.07 -14.69 26.45
C VAL A 377 18.73 -15.43 26.55
N ASP A 378 18.23 -15.54 27.78
CA ASP A 378 16.98 -16.25 28.00
C ASP A 378 15.78 -15.39 27.65
N PHE A 379 15.83 -14.10 28.00
CA PHE A 379 14.72 -13.19 27.74
C PHE A 379 15.28 -11.86 27.26
N VAL A 380 14.46 -11.14 26.51
CA VAL A 380 14.76 -9.77 26.09
C VAL A 380 13.64 -8.88 26.61
N ILE A 381 14.03 -7.79 27.28
CA ILE A 381 13.08 -6.85 27.87
C ILE A 381 12.90 -5.69 26.91
N ILE A 382 11.65 -5.32 26.67
CA ILE A 382 11.34 -4.20 25.79
C ILE A 382 10.30 -3.33 26.49
N PRO A 383 10.70 -2.53 27.44
CA PRO A 383 9.74 -1.72 28.20
C PRO A 383 9.46 -0.36 27.55
N SER A 384 9.14 -0.38 26.25
CA SER A 384 8.85 0.85 25.53
C SER A 384 7.55 1.50 26.01
N TYR A 385 7.53 2.83 25.99
CA TYR A 385 6.27 3.57 26.11
C TYR A 385 5.53 3.60 24.78
N PHE A 386 6.27 3.53 23.68
CA PHE A 386 5.75 3.81 22.34
C PHE A 386 6.54 3.01 21.34
N GLU A 387 5.86 2.11 20.66
CA GLU A 387 6.53 1.19 19.74
C GLU A 387 5.55 0.77 18.65
N PRO A 388 5.42 1.58 17.61
CA PRO A 388 4.48 1.24 16.51
C PRO A 388 4.75 -0.07 15.78
N PHE A 389 6.01 -0.48 15.69
CA PHE A 389 6.40 -1.56 14.79
C PHE A 389 6.94 -2.78 15.48
N GLY A 390 7.67 -2.62 16.58
CA GLY A 390 8.14 -3.76 17.35
C GLY A 390 9.22 -4.58 16.67
N LEU A 391 10.13 -3.93 15.93
CA LEU A 391 11.10 -4.68 15.14
C LEU A 391 12.05 -5.50 16.02
N VAL A 392 12.39 -5.00 17.21
CA VAL A 392 13.29 -5.76 18.09
C VAL A 392 12.62 -7.04 18.58
N ALA A 393 11.29 -7.05 18.72
CA ALA A 393 10.61 -8.28 19.14
C ALA A 393 10.64 -9.34 18.05
N LEU A 394 10.48 -8.94 16.79
CA LEU A 394 10.56 -9.90 15.70
C LEU A 394 11.98 -10.47 15.59
N GLU A 395 13.00 -9.64 15.79
CA GLU A 395 14.36 -10.13 15.65
C GLU A 395 14.73 -11.05 16.80
N ALA A 396 14.34 -10.71 18.03
CA ALA A 396 14.65 -11.57 19.17
C ALA A 396 13.93 -12.91 19.04
N MET A 397 12.64 -12.88 18.71
CA MET A 397 11.86 -14.11 18.63
C MET A 397 12.32 -15.00 17.48
N CYS A 398 12.88 -14.43 16.42
CA CYS A 398 13.45 -15.24 15.35
C CYS A 398 14.69 -16.00 15.79
N LEU A 399 15.38 -15.51 16.81
CA LEU A 399 16.55 -16.20 17.38
C LEU A 399 16.25 -16.89 18.70
N GLY A 400 14.97 -17.00 19.06
CA GLY A 400 14.55 -17.75 20.22
C GLY A 400 14.50 -17.00 21.54
N ALA A 401 14.91 -15.74 21.60
CA ALA A 401 14.81 -15.00 22.85
C ALA A 401 13.34 -14.77 23.19
N ILE A 402 13.02 -14.80 24.48
CA ILE A 402 11.65 -14.69 24.95
C ILE A 402 11.40 -13.23 25.33
N PRO A 403 10.47 -12.53 24.67
CA PRO A 403 10.28 -11.10 24.95
C PRO A 403 9.41 -10.83 26.15
N ILE A 404 9.85 -9.89 26.98
CA ILE A 404 9.04 -9.32 28.06
C ILE A 404 8.82 -7.86 27.69
N ALA A 405 7.65 -7.55 27.14
CA ALA A 405 7.46 -6.28 26.47
C ALA A 405 6.23 -5.56 27.00
N SER A 406 6.25 -4.23 26.85
CA SER A 406 5.06 -3.42 27.07
C SER A 406 3.96 -3.82 26.11
N ALA A 407 2.73 -3.87 26.59
CA ALA A 407 1.59 -4.20 25.72
C ALA A 407 1.10 -2.93 25.02
N VAL A 408 1.90 -2.45 24.06
CA VAL A 408 1.54 -1.28 23.25
C VAL A 408 2.04 -1.47 21.82
N GLY A 409 1.29 -0.92 20.87
CA GLY A 409 1.78 -0.77 19.50
C GLY A 409 2.06 -2.08 18.80
N GLY A 410 3.23 -2.16 18.16
CA GLY A 410 3.60 -3.37 17.47
C GLY A 410 3.95 -4.53 18.40
N LEU A 411 4.38 -4.23 19.62
CA LEU A 411 4.59 -5.31 20.59
C LEU A 411 3.27 -5.98 20.96
N ARG A 412 2.21 -5.19 21.11
CA ARG A 412 0.90 -5.76 21.38
C ARG A 412 0.39 -6.57 20.19
N ASP A 413 0.79 -6.19 18.97
CA ASP A 413 0.41 -6.96 17.80
C ASP A 413 1.22 -8.25 17.72
N ILE A 414 2.54 -8.15 17.91
CA ILE A 414 3.41 -9.29 17.64
C ILE A 414 3.27 -10.34 18.72
N ILE A 415 3.36 -9.93 19.98
CA ILE A 415 3.51 -10.87 21.08
C ILE A 415 2.13 -11.36 21.51
N THR A 416 1.99 -12.67 21.61
CA THR A 416 0.77 -13.32 22.02
C THR A 416 0.96 -13.94 23.39
N ASN A 417 -0.12 -14.49 23.92
CA ASN A 417 -0.07 -15.08 25.25
C ASN A 417 0.91 -16.24 25.31
N GLU A 418 1.07 -16.98 24.20
CA GLU A 418 1.91 -18.16 24.13
C GLU A 418 3.35 -17.87 23.76
N THR A 419 3.68 -16.64 23.39
CA THR A 419 4.99 -16.33 22.82
C THR A 419 5.61 -15.10 23.47
N GLY A 420 5.37 -14.90 24.75
CA GLY A 420 5.96 -13.79 25.47
C GLY A 420 5.09 -13.37 26.63
N ILE A 421 5.57 -12.34 27.32
CA ILE A 421 4.92 -11.79 28.51
C ILE A 421 4.71 -10.29 28.28
N LEU A 422 3.45 -9.87 28.20
CA LEU A 422 3.12 -8.46 28.10
C LEU A 422 2.91 -7.85 29.48
N VAL A 423 3.20 -6.55 29.59
CA VAL A 423 3.09 -5.80 30.83
C VAL A 423 2.61 -4.39 30.49
N LYS A 424 1.95 -3.75 31.46
CA LYS A 424 1.47 -2.39 31.23
C LYS A 424 2.65 -1.45 31.04
N ALA A 425 2.57 -0.60 30.03
CA ALA A 425 3.69 0.27 29.73
C ALA A 425 3.95 1.24 30.88
N GLY A 426 5.22 1.51 31.14
CA GLY A 426 5.60 2.52 32.10
C GLY A 426 5.45 2.13 33.55
N ASP A 427 5.21 0.85 33.84
CA ASP A 427 4.90 0.42 35.19
C ASP A 427 6.02 -0.46 35.71
N PRO A 428 6.94 0.08 36.51
CA PRO A 428 8.04 -0.75 37.03
C PRO A 428 7.60 -1.93 37.87
N GLY A 429 6.49 -1.80 38.60
CA GLY A 429 6.06 -2.88 39.46
C GLY A 429 5.40 -4.01 38.69
N GLU A 430 4.79 -3.68 37.55
CA GLU A 430 4.32 -4.71 36.64
C GLU A 430 5.50 -5.45 36.02
N LEU A 431 6.55 -4.72 35.65
CA LEU A 431 7.70 -5.34 35.01
C LEU A 431 8.50 -6.19 35.98
N ALA A 432 8.59 -5.78 37.25
CA ALA A 432 9.26 -6.64 38.22
C ALA A 432 8.53 -7.95 38.40
N ASN A 433 7.19 -7.91 38.46
CA ASN A 433 6.43 -9.15 38.60
C ASN A 433 6.64 -10.06 37.39
N ALA A 434 6.73 -9.48 36.19
CA ALA A 434 6.94 -10.28 34.99
C ALA A 434 8.31 -10.93 35.01
N ILE A 435 9.33 -10.20 35.47
CA ILE A 435 10.66 -10.76 35.54
C ILE A 435 10.73 -11.86 36.58
N LEU A 436 9.96 -11.70 37.66
CA LEU A 436 9.82 -12.78 38.63
C LEU A 436 9.09 -13.97 38.02
N LYS A 437 8.10 -13.72 37.18
CA LYS A 437 7.41 -14.82 36.53
C LYS A 437 8.34 -15.53 35.55
N ALA A 438 9.12 -14.79 34.78
CA ALA A 438 10.00 -15.42 33.81
C ALA A 438 11.03 -16.32 34.50
N LEU A 439 11.50 -15.90 35.68
CA LEU A 439 12.42 -16.75 36.45
C LEU A 439 11.75 -18.06 36.88
N GLU A 440 10.49 -17.99 37.32
CA GLU A 440 9.78 -19.21 37.68
C GLU A 440 9.61 -20.12 36.48
N LEU A 441 9.41 -19.55 35.29
CA LEU A 441 9.32 -20.37 34.10
C LEU A 441 10.67 -20.99 33.74
N SER A 442 11.76 -20.34 34.14
CA SER A 442 13.09 -20.78 33.72
C SER A 442 13.59 -21.96 34.54
N ARG A 443 12.91 -22.32 35.62
CA ARG A 443 13.26 -23.53 36.36
C ARG A 443 12.87 -24.80 35.60
N SER A 444 12.08 -24.68 34.54
CA SER A 444 11.72 -25.79 33.68
C SER A 444 12.24 -25.53 32.27
N ASP A 445 12.08 -26.51 31.40
CA ASP A 445 12.52 -26.36 30.02
C ASP A 445 11.71 -25.28 29.33
N LEU A 446 12.39 -24.43 28.56
CA LEU A 446 11.73 -23.37 27.81
C LEU A 446 11.70 -23.64 26.30
N SER A 447 12.14 -24.82 25.86
CA SER A 447 12.34 -25.05 24.44
C SER A 447 11.04 -24.93 23.64
N LYS A 448 9.93 -25.44 24.21
CA LYS A 448 8.67 -25.28 23.48
C LYS A 448 8.25 -23.83 23.42
N PHE A 449 8.58 -23.05 24.45
CA PHE A 449 8.26 -21.63 24.42
C PHE A 449 9.09 -20.90 23.37
N ARG A 450 10.37 -21.24 23.27
CA ARG A 450 11.23 -20.58 22.28
C ARG A 450 10.81 -20.94 20.86
N GLU A 451 10.40 -22.20 20.63
CA GLU A 451 9.97 -22.60 19.29
C GLU A 451 8.67 -21.92 18.90
N ASN A 452 7.82 -21.59 19.89
CA ASN A 452 6.61 -20.82 19.60
C ASN A 452 6.93 -19.38 19.21
N CYS A 453 7.95 -18.78 19.84
CA CYS A 453 8.38 -17.46 19.38
C CYS A 453 8.84 -17.53 17.93
N LYS A 454 9.76 -18.46 17.63
CA LYS A 454 10.34 -18.48 16.30
C LYS A 454 9.25 -18.61 15.24
N LYS A 455 8.30 -19.53 15.45
CA LYS A 455 7.23 -19.70 14.48
C LYS A 455 6.34 -18.47 14.43
N ARG A 456 6.11 -17.81 15.57
CA ARG A 456 5.21 -16.66 15.59
C ARG A 456 5.86 -15.45 14.90
N ALA A 457 7.16 -15.24 15.12
CA ALA A 457 7.85 -14.17 14.41
C ALA A 457 7.97 -14.48 12.92
N MET A 458 8.11 -15.75 12.56
CA MET A 458 8.15 -16.11 11.14
C MET A 458 6.79 -15.89 10.49
N SER A 459 5.73 -16.36 11.13
CA SER A 459 4.39 -16.16 10.58
C SER A 459 4.03 -14.69 10.51
N PHE A 460 4.52 -13.88 11.46
CA PHE A 460 4.21 -12.45 11.42
C PHE A 460 4.98 -11.76 10.29
N SER A 461 6.25 -12.10 10.11
CA SER A 461 7.00 -11.58 8.98
C SER A 461 6.47 -12.12 7.66
N LYS A 462 5.92 -13.33 7.66
CA LYS A 462 5.27 -13.84 6.47
C LYS A 462 4.06 -12.98 6.10
N GLN A 463 3.37 -12.44 7.10
CA GLN A 463 2.23 -11.56 6.85
C GLN A 463 2.67 -10.19 6.34
N ILE A 464 3.80 -9.68 6.84
CA ILE A 464 4.30 -8.40 6.36
C ILE A 464 4.75 -8.52 4.91
N ARG A 465 5.38 -9.65 4.56
CA ARG A 465 5.83 -9.85 3.19
C ARG A 465 4.65 -9.94 2.23
N ALA A 466 3.52 -10.47 2.70
CA ALA A 466 2.31 -10.54 1.88
C ALA A 466 1.66 -9.18 1.72
N ARG A 467 1.67 -8.38 2.79
CA ARG A 467 1.19 -7.01 2.66
C ARG A 467 2.06 -6.17 1.74
N ARG A 468 3.37 -6.42 1.71
CA ARG A 468 4.22 -5.64 0.81
C ARG A 468 3.83 -5.86 -0.65
N LYS A 469 3.54 -7.11 -1.02
CA LYS A 469 3.25 -7.42 -2.42
C LYS A 469 1.94 -6.79 -2.87
N THR A 470 0.94 -6.79 -1.99
CA THR A 470 -0.34 -6.17 -2.33
C THR A 470 -0.21 -4.67 -2.42
N ALA A 471 0.50 -4.05 -1.47
CA ALA A 471 0.72 -2.61 -1.56
C ALA A 471 1.61 -2.25 -2.73
N ARG A 472 2.59 -3.11 -3.07
CA ARG A 472 3.44 -2.81 -4.22
C ARG A 472 2.64 -2.82 -5.52
N MET A 473 1.69 -3.75 -5.65
CA MET A 473 0.88 -3.80 -6.85
C MET A 473 -0.03 -2.59 -6.97
N LEU A 474 -0.64 -2.19 -5.84
CA LEU A 474 -1.49 -1.00 -5.84
C LEU A 474 -0.69 0.24 -6.17
N MET A 475 0.57 0.30 -5.74
CA MET A 475 1.40 1.46 -6.07
C MET A 475 1.76 1.51 -7.54
N VAL A 476 1.92 0.34 -8.18
CA VAL A 476 2.16 0.32 -9.62
C VAL A 476 0.93 0.82 -10.37
N VAL A 477 -0.26 0.49 -9.87
CA VAL A 477 -1.50 0.88 -10.55
C VAL A 477 -1.66 2.40 -10.52
N VAL A 478 -1.42 3.01 -9.37
CA VAL A 478 -1.54 4.46 -9.25
C VAL A 478 -0.43 5.17 -10.02
N LEU A 479 0.76 4.56 -10.09
CA LEU A 479 1.82 5.14 -10.90
C LEU A 479 1.45 5.13 -12.38
N VAL A 480 0.93 3.98 -12.86
CA VAL A 480 0.52 3.90 -14.26
C VAL A 480 -0.70 4.77 -14.52
N PHE A 481 -1.55 4.96 -13.52
CA PHE A 481 -2.71 5.85 -13.66
C PHE A 481 -2.28 7.30 -13.80
N ALA A 482 -1.22 7.69 -13.09
CA ALA A 482 -0.74 9.06 -13.23
C ALA A 482 -0.07 9.25 -14.58
N ILE A 483 0.55 8.19 -15.10
CA ILE A 483 1.22 8.29 -16.40
C ILE A 483 0.19 8.37 -17.51
N CYS A 484 -0.86 7.55 -17.44
CA CYS A 484 -1.81 7.48 -18.56
C CYS A 484 -2.66 8.74 -18.65
N TYR A 485 -3.21 9.19 -17.52
CA TYR A 485 -4.11 10.35 -17.48
C TYR A 485 -3.37 11.68 -17.42
N ALA A 486 -2.07 11.69 -17.16
CA ALA A 486 -1.34 12.96 -17.11
C ALA A 486 -1.45 13.72 -18.42
N PRO A 487 -1.22 13.12 -19.59
CA PRO A 487 -1.29 13.92 -20.83
C PRO A 487 -2.67 14.52 -21.08
N ILE A 488 -3.74 13.72 -20.96
CA ILE A 488 -5.06 14.27 -21.24
C ILE A 488 -5.41 15.34 -20.22
N SER A 489 -5.04 15.13 -18.95
CA SER A 489 -5.43 16.12 -17.93
C SER A 489 -4.65 17.41 -18.09
N ILE A 490 -3.38 17.33 -18.49
CA ILE A 490 -2.60 18.53 -18.71
C ILE A 490 -3.07 19.25 -19.96
N LEU A 491 -3.33 18.49 -21.04
CA LEU A 491 -3.80 19.08 -22.28
C LEU A 491 -5.18 19.71 -22.12
N ASN A 492 -5.99 19.20 -21.20
CA ASN A 492 -7.31 19.78 -20.97
C ASN A 492 -7.22 21.12 -20.27
N VAL A 493 -6.27 21.28 -19.33
CA VAL A 493 -6.16 22.58 -18.65
C VAL A 493 -5.46 23.60 -19.54
N LEU A 494 -4.45 23.18 -20.30
CA LEU A 494 -3.81 24.14 -21.20
C LEU A 494 -4.80 24.65 -22.23
N LYS A 495 -5.72 23.80 -22.67
CA LYS A 495 -6.69 24.19 -23.68
C LYS A 495 -7.82 25.00 -23.08
N ARG A 496 -8.43 24.50 -22.01
CA ARG A 496 -9.64 25.11 -21.45
C ARG A 496 -9.37 26.16 -20.39
N VAL A 497 -8.26 26.07 -19.67
CA VAL A 497 -8.04 27.01 -18.58
C VAL A 497 -7.15 28.16 -19.04
N PHE A 498 -6.11 27.87 -19.83
CA PHE A 498 -5.14 28.88 -20.21
C PHE A 498 -5.26 29.32 -21.66
N GLY A 499 -6.16 28.73 -22.45
CA GLY A 499 -6.38 29.20 -23.80
C GLY A 499 -5.33 28.79 -24.79
N MET A 500 -4.48 27.83 -24.44
CA MET A 500 -3.44 27.40 -25.36
C MET A 500 -4.04 26.68 -26.56
N PHE A 501 -3.29 26.71 -27.67
CA PHE A 501 -3.63 26.01 -28.89
C PHE A 501 -4.63 26.78 -29.75
N ALA A 502 -5.24 27.83 -29.22
CA ALA A 502 -6.20 28.59 -30.01
C ALA A 502 -5.53 29.20 -31.24
N HIS A 503 -4.42 29.90 -31.03
CA HIS A 503 -3.64 30.51 -32.11
C HIS A 503 -2.57 29.50 -32.51
N THR A 504 -2.92 28.61 -33.44
CA THR A 504 -2.11 27.43 -33.73
C THR A 504 -1.02 27.75 -34.75
N GLU A 505 0.20 27.32 -34.45
CA GLU A 505 1.28 27.31 -35.43
C GLU A 505 1.30 25.98 -36.20
N ASP A 506 1.03 24.87 -35.50
CA ASP A 506 1.10 23.50 -36.04
C ASP A 506 -0.10 22.73 -35.46
N ARG A 507 -1.26 22.91 -36.09
CA ARG A 507 -2.47 22.24 -35.62
C ARG A 507 -2.38 20.73 -35.76
N GLU A 508 -1.64 20.23 -36.76
CA GLU A 508 -1.54 18.79 -36.93
C GLU A 508 -0.85 18.14 -35.74
N THR A 509 0.21 18.76 -35.24
CA THR A 509 0.90 18.23 -34.06
C THR A 509 0.00 18.27 -32.83
N VAL A 510 -0.81 19.31 -32.69
CA VAL A 510 -1.66 19.41 -31.51
C VAL A 510 -2.76 18.36 -31.56
N TYR A 511 -3.38 18.19 -32.73
CA TYR A 511 -4.41 17.17 -32.88
C TYR A 511 -3.84 15.76 -32.77
N ALA A 512 -2.57 15.58 -33.13
CA ALA A 512 -1.91 14.29 -32.93
C ALA A 512 -1.69 14.00 -31.45
N TRP A 513 -1.28 15.01 -30.67
CA TRP A 513 -1.06 14.79 -29.25
C TRP A 513 -2.36 14.44 -28.54
N PHE A 514 -3.47 15.07 -28.95
CA PHE A 514 -4.76 14.77 -28.35
C PHE A 514 -5.19 13.33 -28.65
N ALA A 515 -4.98 12.89 -29.89
CA ALA A 515 -5.33 11.51 -30.23
C ALA A 515 -4.50 10.53 -29.42
N PHE A 516 -3.25 10.87 -29.12
CA PHE A 516 -2.40 9.98 -28.35
C PHE A 516 -2.87 9.91 -26.89
N SER A 517 -3.14 11.06 -26.28
CA SER A 517 -3.61 11.06 -24.90
C SER A 517 -4.91 10.28 -24.76
N HIS A 518 -5.74 10.30 -25.81
CA HIS A 518 -7.01 9.58 -25.76
C HIS A 518 -6.79 8.08 -25.78
N TRP A 519 -6.00 7.60 -26.73
CA TRP A 519 -5.69 6.19 -26.76
C TRP A 519 -5.04 5.75 -25.47
N LEU A 520 -4.16 6.60 -24.92
CA LEU A 520 -3.46 6.27 -23.69
C LEU A 520 -4.43 6.12 -22.52
N VAL A 521 -5.56 6.81 -22.56
CA VAL A 521 -6.56 6.66 -21.49
C VAL A 521 -7.17 5.27 -21.54
N TYR A 522 -7.59 4.85 -22.74
CA TYR A 522 -8.11 3.49 -22.89
C TYR A 522 -7.03 2.44 -22.68
N ALA A 523 -5.79 2.76 -23.05
CA ALA A 523 -4.71 1.79 -22.83
C ALA A 523 -4.53 1.50 -21.35
N ASN A 524 -4.80 2.49 -20.48
CA ASN A 524 -4.68 2.27 -19.04
C ASN A 524 -5.62 1.17 -18.57
N SER A 525 -6.82 1.10 -19.14
CA SER A 525 -7.73 0.04 -18.78
C SER A 525 -7.24 -1.31 -19.27
N ALA A 526 -6.55 -1.34 -20.41
CA ALA A 526 -5.91 -2.59 -20.82
C ALA A 526 -4.72 -2.93 -19.92
N ALA A 527 -4.07 -1.91 -19.36
CA ALA A 527 -2.86 -2.17 -18.59
C ALA A 527 -3.16 -2.80 -17.24
N ASN A 528 -4.22 -2.37 -16.55
CA ASN A 528 -4.42 -2.84 -15.18
C ASN A 528 -4.53 -4.35 -15.07
N PRO A 529 -5.34 -5.04 -15.85
CA PRO A 529 -5.36 -6.50 -15.73
C PRO A 529 -3.99 -7.15 -15.92
N ILE A 530 -3.15 -6.59 -16.78
CA ILE A 530 -1.79 -7.09 -16.94
C ILE A 530 -0.97 -6.84 -15.67
N ILE A 531 -1.25 -5.74 -14.96
CA ILE A 531 -0.57 -5.46 -13.70
C ILE A 531 -0.97 -6.50 -12.65
N TYR A 532 -2.26 -6.86 -12.61
CA TYR A 532 -2.71 -7.89 -11.67
C TYR A 532 -2.14 -9.25 -12.00
N ASN A 533 -1.86 -9.50 -13.29
CA ASN A 533 -1.33 -10.81 -13.64
C ASN A 533 0.11 -10.98 -13.15
N PHE A 534 0.90 -9.90 -13.21
CA PHE A 534 2.32 -10.00 -12.92
C PHE A 534 2.66 -9.70 -11.46
N LEU A 535 1.80 -8.98 -10.73
CA LEU A 535 2.12 -8.61 -9.35
C LEU A 535 1.22 -9.26 -8.30
N SER A 536 0.30 -10.14 -8.70
CA SER A 536 -0.57 -10.83 -7.75
C SER A 536 -0.69 -12.29 -8.20
N GLY A 537 -0.19 -13.22 -7.37
CA GLY A 537 -0.27 -14.62 -7.72
C GLY A 537 -1.67 -15.18 -7.70
N LYS A 538 -2.56 -14.58 -6.89
CA LYS A 538 -3.95 -15.03 -6.87
C LYS A 538 -4.68 -14.65 -8.15
N PHE A 539 -4.45 -13.43 -8.66
CA PHE A 539 -5.00 -13.09 -9.96
C PHE A 539 -4.33 -13.91 -11.05
N ARG A 540 -3.03 -14.14 -10.95
CA ARG A 540 -2.33 -14.85 -12.02
C ARG A 540 -2.83 -16.27 -12.15
N GLU A 541 -3.16 -16.91 -11.03
CA GLU A 541 -3.70 -18.27 -11.08
C GLU A 541 -5.15 -18.28 -11.57
N GLU A 542 -5.99 -17.40 -11.04
CA GLU A 542 -7.38 -17.37 -11.47
C GLU A 542 -7.52 -16.97 -12.93
N PHE A 543 -6.58 -16.17 -13.45
CA PHE A 543 -6.58 -15.92 -14.88
C PHE A 543 -6.27 -17.20 -15.66
N LYS A 544 -5.28 -17.96 -15.21
CA LYS A 544 -4.97 -19.21 -15.90
C LYS A 544 -6.15 -20.17 -15.86
N ALA A 545 -6.89 -20.20 -14.76
CA ALA A 545 -8.04 -21.10 -14.72
C ALA A 545 -9.14 -20.65 -15.68
N ALA A 546 -9.29 -19.35 -15.89
CA ALA A 546 -10.35 -18.90 -16.78
C ALA A 546 -10.04 -19.22 -18.24
N PHE A 547 -8.76 -19.21 -18.62
CA PHE A 547 -8.41 -19.54 -20.00
C PHE A 547 -8.59 -21.03 -20.29
N SER A 548 -8.28 -21.89 -19.32
CA SER A 548 -8.39 -23.32 -19.54
C SER A 548 -9.84 -23.74 -19.65
N TRP A 549 -10.70 -23.23 -18.77
CA TRP A 549 -12.11 -23.54 -18.86
C TRP A 549 -12.71 -23.03 -20.17
N TRP A 550 -12.23 -21.87 -20.64
CA TRP A 550 -12.78 -21.23 -21.82
C TRP A 550 -12.30 -21.90 -23.11
N TRP A 551 -11.04 -22.29 -23.17
CA TRP A 551 -10.46 -22.84 -24.40
C TRP A 551 -10.37 -24.36 -24.39
N LEU A 552 -10.49 -24.99 -23.23
CA LEU A 552 -10.26 -26.43 -23.13
C LEU A 552 -11.39 -27.19 -22.43
N GLY A 553 -12.02 -26.56 -21.45
CA GLY A 553 -12.83 -27.25 -20.48
C GLY A 553 -12.08 -27.78 -19.28
N VAL A 554 -10.76 -27.57 -19.22
CA VAL A 554 -9.99 -27.98 -18.05
C VAL A 554 -10.45 -27.15 -16.84
N HIS A 555 -10.39 -27.76 -15.65
CA HIS A 555 -10.85 -27.07 -14.45
C HIS A 555 -9.93 -25.91 -14.09
N HIS A 556 -8.61 -26.12 -14.13
CA HIS A 556 -7.69 -25.01 -13.90
C HIS A 556 -6.25 -25.32 -14.31
#